data_2N0I
#
_entry.id   2N0I
#
_entity_poly.entity_id   1
_entity_poly.type   'polypeptide(L)'
_entity_poly.pdbx_seq_one_letter_code
;H(KCY)EG(HCS)FTSDF(PH8)(NH2)
;
_entity_poly.pdbx_strand_id   A
#
loop_
_chem_comp.id
_chem_comp.type
_chem_comp.name
_chem_comp.formula
NH2 non-polymer 'AMINO GROUP' 'H2 N'
#
# COMPACT_ATOMS: atom_id res chain seq x y z
N HIS A 1 -4.25 2.89 -9.23
CA HIS A 1 -2.91 3.06 -8.60
C HIS A 1 -3.02 3.20 -7.08
C KCY A 2 -1.41 3.69 -4.40
N KCY A 2 -2.18 2.43 -6.36
O KCY A 2 -0.42 3.58 -3.64
CA KCY A 2 -2.15 2.46 -4.89
CB KCY A 2 -3.56 2.41 -4.31
SD KCY A 2 -4.77 2.33 -1.79
CG KCY A 2 -3.67 1.58 -3.04
H KCY A 2 -1.56 1.84 -6.83
HA KCY A 2 -1.61 1.59 -4.56
HB KCY A 2 -3.88 3.42 -4.08
HBA KCY A 2 -4.24 1.99 -5.05
HG KCY A 2 -2.69 1.47 -2.61
HGA KCY A 2 -4.07 0.61 -3.30
N GLU A 3 -1.85 4.87 -4.82
CA GLU A 3 -1.22 6.14 -4.44
C GLU A 3 -1.16 6.30 -2.92
N GLY A 4 0.05 6.17 -2.38
CA GLY A 4 0.26 6.32 -0.95
C GLY A 4 -0.36 5.19 -0.14
N HCS A 5 -0.18 3.96 -0.61
CA HCS A 5 -0.72 2.79 0.09
CB HCS A 5 -2.19 2.60 -0.30
CG HCS A 5 -2.92 1.53 0.49
SD HCS A 5 -4.56 1.13 -0.18
C HCS A 5 0.10 1.53 -0.24
O HCS A 5 -0.44 0.44 -0.38
H HCS A 5 0.33 3.83 -1.44
HA HCS A 5 -0.65 2.98 1.15
HB2 HCS A 5 -2.71 3.54 -0.15
HB3 HCS A 5 -2.24 2.35 -1.35
HG2 HCS A 5 -2.32 0.63 0.49
HG3 HCS A 5 -3.04 1.87 1.52
N PHE A 6 1.42 1.71 -0.33
CA PHE A 6 2.32 0.60 -0.62
C PHE A 6 2.42 -0.35 0.58
N THR A 7 2.27 0.21 1.79
CA THR A 7 2.33 -0.57 3.02
C THR A 7 1.15 -1.56 3.15
N SER A 8 0.12 -1.39 2.31
CA SER A 8 -1.07 -2.26 2.34
C SER A 8 -0.69 -3.73 2.55
N ASP A 9 0.29 -4.21 1.78
CA ASP A 9 0.74 -5.59 1.88
C ASP A 9 1.51 -5.81 3.20
N PHE A 10 2.39 -4.86 3.52
CA PHE A 10 3.18 -4.93 4.76
C PHE A 10 2.27 -4.92 5.98
C PH8 A 11 -0.44 -7.25 7.03
N PH8 A 11 1.31 -5.85 6.01
O PH8 A 11 -0.61 -7.95 8.02
CA PH8 A 11 0.36 -5.94 7.11
CB PH8 A 11 -0.60 -4.75 7.09
CG PH8 A 11 -1.08 -5.84 10.47
CI PH8 A 11 -1.60 -4.74 8.23
CJ PH8 A 11 -0.92 -4.63 9.59
CZ PH8 A 11 -1.38 -8.09 12.07
CD1 PH8 A 11 -2.34 -6.26 10.86
CD2 PH8 A 11 0.02 -6.57 10.87
CE1 PH8 A 11 -2.49 -7.38 11.66
CE2 PH8 A 11 -0.12 -7.68 11.67
H PH8 A 11 1.25 -6.48 5.26
HA PH8 A 11 0.92 -5.94 8.04
HZ PH8 A 11 -1.50 -8.97 12.69
HB PH8 A 11 -0.02 -3.84 7.15
HBA PH8 A 11 -1.15 -4.75 6.16
HD1 PH8 A 11 -3.21 -5.70 10.55
HD2 PH8 A 11 1.01 -6.25 10.57
HE1 PH8 A 11 -3.48 -7.69 11.97
HE2 PH8 A 11 0.75 -8.24 11.98
HI PH8 A 11 -2.26 -3.89 8.11
HIA PH8 A 11 -2.17 -5.66 8.21
HJ PH8 A 11 -1.33 -3.78 10.12
HJA PH8 A 11 0.14 -4.46 9.43
N NH2 A 12 -0.92 -7.59 5.82
HN1 NH2 A 12 -0.75 -6.99 5.07
HN2 NH2 A 12 -1.44 -8.42 5.76
N HIS A 1 -2.75 1.53 -9.03
CA HIS A 1 -2.97 0.72 -7.80
C HIS A 1 -2.89 1.62 -6.55
C KCY A 2 -1.20 2.58 -4.02
N KCY A 2 -2.60 1.02 -5.38
O KCY A 2 -0.48 2.48 -3.02
CA KCY A 2 -2.49 1.74 -4.11
CB KCY A 2 -3.71 2.65 -3.86
SD KCY A 2 -4.83 0.86 -2.05
CG KCY A 2 -4.98 1.88 -3.55
H KCY A 2 -2.46 0.05 -5.38
HA KCY A 2 -2.46 1.01 -3.32
HB KCY A 2 -3.50 3.30 -3.03
HBA KCY A 2 -3.89 3.24 -4.76
HG KCY A 2 -5.22 1.23 -4.38
HGA KCY A 2 -5.78 2.58 -3.40
N GLU A 3 -0.92 3.38 -5.04
CA GLU A 3 0.28 4.22 -5.04
C GLU A 3 0.17 5.28 -3.95
N GLY A 4 0.86 5.04 -2.84
CA GLY A 4 0.82 5.95 -1.71
C GLY A 4 0.54 5.22 -0.42
N HCS A 5 -0.38 4.26 -0.47
CA HCS A 5 -0.74 3.46 0.70
CB HCS A 5 -2.26 3.17 0.70
CG HCS A 5 -2.76 2.50 -0.57
SD HCS A 5 -4.56 2.21 -0.56
C HCS A 5 0.06 2.15 0.75
O HCS A 5 -0.50 1.08 1.00
H HCS A 5 -0.83 4.07 -1.32
HA HCS A 5 -0.50 4.04 1.58
HB2 HCS A 5 -2.49 2.52 1.54
HB3 HCS A 5 -2.79 4.10 0.83
HG2 HCS A 5 -2.53 3.13 -1.42
HG3 HCS A 5 -2.26 1.54 -0.68
N PHE A 6 1.37 2.25 0.51
CA PHE A 6 2.24 1.08 0.51
C PHE A 6 2.15 0.32 1.84
N THR A 7 2.01 1.07 2.94
CA THR A 7 1.90 0.46 4.27
C THR A 7 0.70 -0.49 4.38
N SER A 8 -0.45 -0.08 3.84
CA SER A 8 -1.66 -0.91 3.89
C SER A 8 -1.44 -2.24 3.17
N ASP A 9 -0.68 -2.19 2.06
CA ASP A 9 -0.40 -3.40 1.28
C ASP A 9 0.87 -4.10 1.76
N PHE A 10 1.12 -4.06 3.09
CA PHE A 10 2.30 -4.71 3.66
C PHE A 10 2.25 -6.23 3.44
C PH8 A 11 0.09 -8.51 2.00
N PH8 A 11 1.05 -6.80 3.50
O PH8 A 11 -0.65 -9.48 1.90
CA PH8 A 11 0.86 -8.24 3.30
CB PH8 A 11 0.13 -8.85 4.50
CG PH8 A 11 2.20 -10.64 5.99
CI PH8 A 11 0.13 -10.37 4.52
CJ PH8 A 11 1.54 -10.93 4.66
CZ PH8 A 11 3.42 -10.08 8.42
CD1 PH8 A 11 1.48 -10.70 7.17
CD2 PH8 A 11 3.54 -10.29 6.04
CE1 PH8 A 11 2.08 -10.43 8.38
CE2 PH8 A 11 4.15 -10.02 7.25
H PH8 A 11 0.26 -6.25 3.70
HA PH8 A 11 1.85 -8.69 3.24
HZ PH8 A 11 3.89 -9.87 9.38
HB PH8 A 11 0.59 -8.51 5.41
HBA PH8 A 11 -0.90 -8.51 4.49
HD1 PH8 A 11 0.43 -10.97 7.14
HD2 PH8 A 11 4.11 -10.24 5.13
HE1 PH8 A 11 1.51 -10.48 9.30
HE2 PH8 A 11 5.19 -9.75 7.29
HI PH8 A 11 -0.47 -10.71 5.37
HIA PH8 A 11 -0.30 -10.74 3.61
HJ PH8 A 11 2.15 -10.52 3.88
HJA PH8 A 11 1.50 -12.00 4.55
N NH2 A 12 0.28 -7.65 1.00
HN1 NH2 A 12 0.90 -6.90 1.14
HN2 NH2 A 12 -0.20 -7.81 0.16
N HIS A 1 -3.06 0.70 -8.68
CA HIS A 1 -2.11 0.53 -7.55
C HIS A 1 -2.34 1.56 -6.45
C KCY A 2 -1.28 2.95 -3.82
N KCY A 2 -2.24 1.11 -5.20
O KCY A 2 -0.71 3.01 -2.72
CA KCY A 2 -2.45 1.97 -4.01
CB KCY A 2 -3.77 2.74 -4.13
SD KCY A 2 -4.48 2.35 -1.45
CG KCY A 2 -4.16 3.47 -2.85
H KCY A 2 -2.02 0.17 -5.05
HA KCY A 2 -2.49 1.32 -3.15
HB KCY A 2 -3.69 3.46 -4.92
HBA KCY A 2 -4.55 2.04 -4.36
HG KCY A 2 -5.05 4.05 -3.04
HGA KCY A 2 -3.35 4.13 -2.57
N GLU A 3 -0.94 3.72 -4.85
CA GLU A 3 0.14 4.70 -4.77
C GLU A 3 -0.19 5.79 -3.76
N GLY A 4 0.38 5.66 -2.57
CA GLY A 4 0.13 6.62 -1.50
C GLY A 4 0.17 5.97 -0.13
N HCS A 5 -0.40 4.76 -0.04
CA HCS A 5 -0.44 4.01 1.20
CB HCS A 5 -1.87 3.97 1.77
CG HCS A 5 -2.97 3.83 0.72
SD HCS A 5 -2.77 2.39 -0.37
C HCS A 5 0.11 2.60 1.00
O HCS A 5 -0.56 1.60 1.28
H HCS A 5 -0.80 4.37 -0.85
HA HCS A 5 0.19 4.52 1.91
HB2 HCS A 5 -1.95 3.13 2.45
HB3 HCS A 5 -2.05 4.88 2.32
HG2 HCS A 5 -3.92 3.73 1.23
HG3 HCS A 5 -2.99 4.72 0.11
N PHE A 6 1.34 2.53 0.50
CA PHE A 6 2.01 1.26 0.22
C PHE A 6 2.02 0.34 1.44
N THR A 7 2.18 0.93 2.64
CA THR A 7 2.20 0.17 3.89
C THR A 7 0.99 -0.76 4.04
N SER A 8 -0.16 -0.33 3.51
CA SER A 8 -1.39 -1.13 3.61
C SER A 8 -1.19 -2.57 3.11
N ASP A 9 -0.43 -2.74 2.02
CA ASP A 9 -0.20 -4.07 1.45
C ASP A 9 0.98 -4.81 2.13
N PHE A 10 1.23 -4.52 3.41
CA PHE A 10 2.31 -5.18 4.15
C PHE A 10 2.00 -6.67 4.30
C PH8 A 11 0.71 -9.22 3.34
N PH8 A 11 0.72 -6.99 4.41
O PH8 A 11 1.01 -10.41 3.47
CA PH8 A 11 0.28 -8.38 4.55
CB PH8 A 11 -1.25 -8.43 4.71
CG PH8 A 11 -3.91 -11.09 5.55
CI PH8 A 11 -1.80 -9.84 4.92
CJ PH8 A 11 -3.32 -9.83 4.99
CZ PH8 A 11 -5.01 -13.43 6.59
CD1 PH8 A 11 -4.83 -11.04 6.60
CD2 PH8 A 11 -3.56 -12.33 5.04
CE1 PH8 A 11 -5.38 -12.19 7.11
CE2 PH8 A 11 -4.10 -13.49 5.55
H PH8 A 11 0.04 -6.27 4.39
HA PH8 A 11 0.75 -8.79 5.44
HZ PH8 A 11 -5.44 -14.32 6.99
HB PH8 A 11 -1.52 -7.83 5.57
HBA PH8 A 11 -1.71 -8.01 3.83
HD1 PH8 A 11 -5.10 -10.08 7.00
HD2 PH8 A 11 -2.85 -12.38 4.22
HE1 PH8 A 11 -6.09 -12.14 7.92
HE2 PH8 A 11 -3.82 -14.44 5.14
HI PH8 A 11 -1.49 -10.46 4.10
HIA PH8 A 11 -1.40 -10.23 5.85
HJ PH8 A 11 -3.70 -9.68 4.00
HJA PH8 A 11 -3.62 -9.00 5.62
N NH2 A 12 0.72 -8.61 2.15
HN1 NH2 A 12 0.46 -7.66 2.11
HN2 NH2 A 12 0.99 -9.14 1.37
N HIS A 1 -5.05 2.63 -8.35
CA HIS A 1 -3.79 1.91 -8.04
C HIS A 1 -3.48 1.97 -6.54
C KCY A 2 -1.59 1.74 -4.19
N KCY A 2 -3.04 0.84 -5.97
O KCY A 2 -1.51 2.22 -3.05
CA KCY A 2 -2.71 0.75 -4.56
CB KCY A 2 -3.95 1.02 -3.70
SD KCY A 2 -5.16 1.21 -1.19
CG KCY A 2 -3.83 0.55 -2.26
H KCY A 2 -2.95 0.04 -6.53
HA KCY A 2 -2.35 -0.25 -4.37
HB KCY A 2 -4.16 2.08 -3.71
HBA KCY A 2 -4.79 0.50 -4.15
HG KCY A 2 -2.88 0.89 -1.87
HGA KCY A 2 -3.88 -0.52 -2.23
N GLU A 3 -0.71 2.03 -5.17
CA GLU A 3 0.42 2.94 -4.96
C GLU A 3 -0.02 4.21 -4.25
N GLY A 4 0.25 4.28 -2.95
CA GLY A 4 -0.12 5.42 -2.15
C GLY A 4 -0.22 5.09 -0.66
N HCS A 5 -0.56 3.84 -0.36
CA HCS A 5 -0.69 3.38 1.01
CB HCS A 5 -2.12 2.91 1.29
CG HCS A 5 -2.62 1.87 0.30
SD HCS A 5 -4.31 1.29 0.64
C HCS A 5 0.30 2.24 1.27
O HCS A 5 -0.09 1.11 1.57
H HCS A 5 -0.72 3.21 -1.08
HA HCS A 5 -0.45 4.20 1.67
HB2 HCS A 5 -2.18 2.49 2.28
HB3 HCS A 5 -2.78 3.77 1.23
HG2 HCS A 5 -2.61 2.29 -0.69
HG3 HCS A 5 -1.96 1.02 0.34
N PHE A 6 1.59 2.55 1.11
CA PHE A 6 2.65 1.56 1.30
C PHE A 6 2.47 0.76 2.59
N THR A 7 1.93 1.40 3.64
CA THR A 7 1.70 0.71 4.91
C THR A 7 0.70 -0.44 4.73
N SER A 8 -0.39 -0.15 4.03
CA SER A 8 -1.43 -1.14 3.74
C SER A 8 -0.87 -2.33 2.96
N ASP A 9 0.19 -2.09 2.18
CA ASP A 9 0.82 -3.13 1.37
C ASP A 9 0.98 -4.43 2.16
N PHE A 10 1.33 -4.32 3.44
CA PHE A 10 1.49 -5.50 4.30
C PHE A 10 0.21 -6.34 4.26
C PH8 A 11 -1.39 -8.18 1.49
N PH8 A 11 -0.26 -6.62 3.04
O PH8 A 11 -1.54 -9.40 1.47
CA PH8 A 11 -1.47 -7.41 2.82
CB PH8 A 11 -2.71 -6.51 2.80
CG PH8 A 11 -5.20 -7.32 5.08
CI PH8 A 11 -3.18 -6.08 4.18
CJ PH8 A 11 -3.70 -7.26 4.99
CZ PH8 A 11 -7.98 -7.44 5.25
CD1 PH8 A 11 -5.97 -7.59 3.95
CD2 PH8 A 11 -5.85 -7.12 6.30
CE1 PH8 A 11 -7.35 -7.64 4.03
CE2 PH8 A 11 -7.22 -7.18 6.38
H PH8 A 11 0.23 -6.27 2.26
HA PH8 A 11 -1.56 -8.11 3.63
HZ PH8 A 11 -9.05 -7.49 5.32
HB PH8 A 11 -2.49 -5.62 2.24
HBA PH8 A 11 -3.52 -7.04 2.32
HD1 PH8 A 11 -5.48 -7.75 3.00
HD2 PH8 A 11 -5.26 -6.92 7.17
HE1 PH8 A 11 -7.93 -7.85 3.15
HE2 PH8 A 11 -7.71 -7.02 7.33
HI PH8 A 11 -2.36 -5.64 4.72
HIA PH8 A 11 -3.97 -5.35 4.08
HJ PH8 A 11 -3.31 -7.20 5.99
HJA PH8 A 11 -3.35 -8.17 4.52
N NH2 A 12 -1.15 -7.47 0.40
HN1 NH2 A 12 -1.04 -6.49 0.49
HN2 NH2 A 12 -1.10 -7.94 -0.45
N HIS A 1 -6.65 2.18 -6.04
CA HIS A 1 -5.26 2.44 -6.50
C HIS A 1 -4.28 2.47 -5.33
C KCY A 2 -1.28 2.97 -4.40
N KCY A 2 -3.16 1.76 -5.48
O KCY A 2 -0.05 2.90 -4.37
CA KCY A 2 -2.12 1.69 -4.46
CB KCY A 2 -2.71 1.38 -3.08
SD KCY A 2 -0.63 -0.25 -2.10
CG KCY A 2 -1.68 1.25 -1.96
H KCY A 2 -3.03 1.27 -6.32
HA KCY A 2 -1.46 0.87 -4.73
HB KCY A 2 -3.39 2.17 -2.81
HBA KCY A 2 -3.27 0.45 -3.14
HG KCY A 2 -2.20 1.20 -1.01
HGA KCY A 2 -1.04 2.11 -1.98
N GLU A 3 -1.94 4.12 -4.40
CA GLU A 3 -1.23 5.42 -4.36
C GLU A 3 -0.31 5.50 -3.15
N GLY A 4 1.00 5.32 -3.39
CA GLY A 4 1.98 5.38 -2.32
C GLY A 4 2.23 4.03 -1.66
N HCS A 5 1.19 3.18 -1.61
CA HCS A 5 1.29 1.85 -0.99
CB HCS A 5 2.23 0.95 -1.79
CG HCS A 5 1.97 0.93 -3.29
SD HCS A 5 0.46 0.04 -3.79
C HCS A 5 1.76 1.95 0.46
O HCS A 5 2.65 1.23 0.90
H HCS A 5 0.34 3.46 -2.00
HA HCS A 5 0.30 1.42 -0.99
HB2 HCS A 5 3.25 1.28 -1.63
HB3 HCS A 5 2.13 -0.07 -1.42
HG2 HCS A 5 1.90 1.94 -3.64
HG3 HCS A 5 2.82 0.46 -3.78
N PHE A 6 1.15 2.87 1.22
CA PHE A 6 1.51 3.07 2.62
C PHE A 6 1.40 1.76 3.41
N THR A 7 0.28 1.06 3.23
CA THR A 7 0.05 -0.21 3.92
C THR A 7 0.52 -1.42 3.08
N SER A 8 1.71 -1.29 2.47
CA SER A 8 2.26 -2.39 1.64
C SER A 8 2.24 -3.71 2.40
N ASP A 9 2.63 -3.67 3.67
CA ASP A 9 2.66 -4.87 4.51
C ASP A 9 1.25 -5.46 4.67
N PHE A 10 0.27 -4.60 4.88
CA PHE A 10 -1.11 -5.03 5.04
C PHE A 10 -1.63 -5.69 3.76
C PH8 A 11 -0.24 -8.41 1.68
N PH8 A 11 -0.75 -6.45 3.10
O PH8 A 11 -0.03 -8.87 0.55
CA PH8 A 11 -1.09 -7.14 1.86
CB PH8 A 11 -0.90 -6.21 0.66
CG PH8 A 11 -2.51 -2.95 -0.66
CI PH8 A 11 -1.76 -4.96 0.70
CJ PH8 A 11 -1.52 -4.07 -0.51
CZ PH8 A 11 -4.35 -0.89 -0.92
CD1 PH8 A 11 -2.61 -1.97 0.32
CD2 PH8 A 11 -3.35 -2.89 -1.76
CE1 PH8 A 11 -3.52 -0.94 0.19
CE2 PH8 A 11 -4.26 -1.87 -1.89
H PH8 A 11 0.16 -6.55 3.46
HA PH8 A 11 -2.13 -7.43 1.92
HZ PH8 A 11 -5.07 -0.09 -1.01
HB PH8 A 11 0.14 -5.91 0.62
HBA PH8 A 11 -1.13 -6.76 -0.24
HD1 PH8 A 11 -1.95 -2.00 1.18
HD2 PH8 A 11 -3.28 -3.66 -2.51
HE1 PH8 A 11 -3.59 -0.18 0.95
HE2 PH8 A 11 -4.92 -1.83 -2.75
HI PH8 A 11 -2.80 -5.25 0.71
HIA PH8 A 11 -1.52 -4.40 1.60
HJ PH8 A 11 -1.56 -4.68 -1.40
HJA PH8 A 11 -0.53 -3.64 -0.42
N NH2 A 12 0.24 -8.99 2.78
HN1 NH2 A 12 0.03 -8.58 3.65
HN2 NH2 A 12 0.77 -9.81 2.67
N HIS A 1 -3.87 -0.09 -7.74
CA HIS A 1 -3.72 1.40 -7.77
C HIS A 1 -3.46 1.96 -6.38
C KCY A 2 -1.25 2.76 -4.20
N KCY A 2 -2.66 1.25 -5.58
O KCY A 2 -0.23 2.64 -3.50
CA KCY A 2 -2.30 1.64 -4.21
CB KCY A 2 -3.55 2.05 -3.39
SD KCY A 2 -5.17 3.98 -2.17
CG KCY A 2 -3.77 3.56 -3.26
H KCY A 2 -2.28 0.41 -5.93
HA KCY A 2 -1.85 0.78 -3.74
HB KCY A 2 -4.41 1.63 -3.86
HBA KCY A 2 -3.45 1.64 -2.39
HG KCY A 2 -3.97 3.97 -4.24
HGA KCY A 2 -2.88 4.01 -2.85
N GLU A 3 -1.48 3.84 -4.95
CA GLU A 3 -0.54 4.95 -4.99
C GLU A 3 -0.42 5.61 -3.62
N GLY A 4 0.70 5.35 -2.94
CA GLY A 4 0.92 5.91 -1.62
C GLY A 4 0.54 4.95 -0.49
N HCS A 5 -0.23 3.91 -0.81
CA HCS A 5 -0.63 2.92 0.19
CB HCS A 5 -2.06 2.44 -0.10
CG HCS A 5 -3.11 3.53 0.01
SD HCS A 5 -4.78 2.96 -0.47
C HCS A 5 0.33 1.73 0.18
O HCS A 5 -0.09 0.57 0.20
H HCS A 5 -0.51 3.79 -1.73
HA HCS A 5 -0.61 3.39 1.16
HB2 HCS A 5 -2.10 2.03 -1.09
HB3 HCS A 5 -2.31 1.66 0.62
HG2 HCS A 5 -3.16 3.89 1.03
HG3 HCS A 5 -2.84 4.35 -0.64
N PHE A 6 1.62 2.04 0.16
CA PHE A 6 2.66 1.01 0.15
C PHE A 6 2.61 0.16 1.42
N THR A 7 2.21 0.78 2.53
CA THR A 7 2.11 0.09 3.82
C THR A 7 1.17 -1.12 3.75
N SER A 8 0.13 -1.02 2.89
CA SER A 8 -0.86 -2.10 2.71
C SER A 8 -0.22 -3.49 2.65
N ASP A 9 1.02 -3.56 2.14
CA ASP A 9 1.75 -4.82 2.02
C ASP A 9 1.73 -5.65 3.33
N PHE A 10 1.53 -4.98 4.47
CA PHE A 10 1.50 -5.66 5.77
C PHE A 10 0.51 -6.84 5.78
C PH8 A 11 -0.98 -9.10 4.42
N PH8 A 11 -0.58 -6.73 5.01
O PH8 A 11 -1.22 -10.17 4.98
CA PH8 A 11 -1.58 -7.79 4.94
CB PH8 A 11 -2.76 -7.37 4.04
CG PH8 A 11 -4.51 -5.76 2.25
CI PH8 A 11 -3.50 -6.15 4.54
CJ PH8 A 11 -4.75 -5.86 3.73
CZ PH8 A 11 -4.08 -5.58 -0.50
CD1 PH8 A 11 -4.88 -6.79 1.40
CD2 PH8 A 11 -3.92 -4.64 1.70
CE1 PH8 A 11 -4.67 -6.71 0.04
CE2 PH8 A 11 -3.70 -4.54 0.34
H PH8 A 11 -0.70 -5.92 4.48
HA PH8 A 11 -1.95 -7.96 5.94
HZ PH8 A 11 -3.91 -5.51 -1.56
HB PH8 A 11 -2.39 -7.17 3.05
HBA PH8 A 11 -3.46 -8.20 3.99
HD1 PH8 A 11 -5.35 -7.68 1.82
HD2 PH8 A 11 -3.62 -3.83 2.34
HE1 PH8 A 11 -4.97 -7.52 -0.61
HE2 PH8 A 11 -3.24 -3.66 -0.08
HI PH8 A 11 -3.78 -6.30 5.57
HIA PH8 A 11 -2.84 -5.29 4.48
HJ PH8 A 11 -5.17 -4.92 4.06
HJA PH8 A 11 -5.46 -6.65 3.90
N NH2 A 12 -0.19 -9.01 3.35
HN1 NH2 A 12 -0.04 -8.13 2.95
HN2 NH2 A 12 0.21 -9.84 3.00
N HIS A 1 -3.27 4.65 -9.90
CA HIS A 1 -4.03 5.47 -8.91
C HIS A 1 -3.80 4.97 -7.47
C KCY A 2 -2.17 3.64 -5.29
N KCY A 2 -3.65 3.66 -7.30
O KCY A 2 -2.01 3.51 -4.07
CA KCY A 2 -3.42 3.06 -5.97
CB KCY A 2 -4.69 3.24 -5.11
SD KCY A 2 -3.91 0.92 -3.72
CG KCY A 2 -4.60 2.62 -3.72
H KCY A 2 -3.69 3.07 -8.08
HA KCY A 2 -3.26 2.01 -6.12
HB KCY A 2 -4.86 4.30 -4.99
HBA KCY A 2 -5.52 2.80 -5.63
HG KCY A 2 -5.61 2.58 -3.31
HGA KCY A 2 -3.99 3.24 -3.09
N GLU A 3 -1.29 4.26 -6.09
CA GLU A 3 -0.04 4.85 -5.59
C GLU A 3 -0.26 5.55 -4.26
N GLY A 4 0.17 4.89 -3.19
CA GLY A 4 0.02 5.43 -1.85
C GLY A 4 0.01 4.35 -0.79
N HCS A 5 -0.48 3.16 -1.14
CA HCS A 5 -0.56 2.03 -0.21
CB HCS A 5 -1.54 0.98 -0.76
CG HCS A 5 -2.96 1.49 -0.88
SD HCS A 5 -4.07 0.35 -1.78
C HCS A 5 0.82 1.41 0.04
O HCS A 5 1.05 0.23 -0.25
H HCS A 5 -0.79 3.04 -2.06
HA HCS A 5 -0.95 2.41 0.72
HB2 HCS A 5 -1.20 0.66 -1.74
HB3 HCS A 5 -1.53 0.13 -0.10
HG2 HCS A 5 -3.37 1.63 0.12
HG3 HCS A 5 -2.96 2.43 -1.40
N PHE A 6 1.73 2.21 0.60
CA PHE A 6 3.08 1.76 0.91
C PHE A 6 3.07 0.53 1.82
N THR A 7 2.34 0.64 2.93
CA THR A 7 2.24 -0.46 3.89
C THR A 7 1.11 -1.43 3.52
N SER A 8 0.93 -1.68 2.21
CA SER A 8 -0.11 -2.59 1.76
C SER A 8 0.15 -4.01 2.27
N ASP A 9 1.42 -4.42 2.25
CA ASP A 9 1.80 -5.75 2.72
C ASP A 9 2.14 -5.74 4.22
N PHE A 10 1.50 -4.84 4.97
CA PHE A 10 1.73 -4.75 6.41
C PHE A 10 1.18 -6.01 7.10
C PH8 A 11 -0.06 -8.97 6.53
N PH8 A 11 0.04 -6.48 6.61
O PH8 A 11 -0.68 -10.02 6.63
CA PH8 A 11 -0.62 -7.67 7.15
CB PH8 A 11 -2.14 -7.58 6.94
CG PH8 A 11 -2.79 -7.99 3.15
CI PH8 A 11 -2.58 -7.17 5.54
CJ PH8 A 11 -2.08 -8.13 4.47
CZ PH8 A 11 -4.10 -7.72 0.71
CD1 PH8 A 11 -4.13 -8.31 3.03
CD2 PH8 A 11 -2.10 -7.54 2.03
CE1 PH8 A 11 -4.78 -8.17 1.82
CE2 PH8 A 11 -2.76 -7.40 0.81
H PH8 A 11 -0.39 -6.02 5.85
HA PH8 A 11 -0.41 -7.69 8.20
HZ PH8 A 11 -4.60 -7.62 -0.23
HB PH8 A 11 -2.57 -8.56 7.15
HBA PH8 A 11 -2.54 -6.88 7.65
HD1 PH8 A 11 -4.66 -8.67 3.90
HD2 PH8 A 11 -1.06 -7.28 2.11
HE1 PH8 A 11 -5.83 -8.43 1.74
HE2 PH8 A 11 -2.22 -7.05 -0.05
HI PH8 A 11 -3.66 -7.15 5.51
HIA PH8 A 11 -2.19 -6.18 5.34
HJ PH8 A 11 -2.22 -9.14 4.82
HJA PH8 A 11 -1.02 -7.95 4.31
N NH2 A 12 1.13 -8.89 5.91
HN1 NH2 A 12 1.59 -8.03 5.86
HN2 NH2 A 12 1.50 -9.72 5.53
N HIS A 1 -4.57 5.19 -9.61
CA HIS A 1 -3.91 6.00 -8.56
C HIS A 1 -3.51 5.13 -7.36
C KCY A 2 -1.44 3.73 -5.60
N KCY A 2 -2.84 4.00 -7.65
O KCY A 2 -1.23 3.22 -4.51
CA KCY A 2 -2.40 3.07 -6.60
CB KCY A 2 -3.63 2.51 -5.86
SD KCY A 2 -4.67 1.06 -3.73
CG KCY A 2 -3.33 1.35 -4.92
H KCY A 2 -2.64 3.79 -8.58
HA KCY A 2 -1.88 2.25 -7.08
HB KCY A 2 -4.07 3.31 -5.28
HBA KCY A 2 -4.35 2.18 -6.59
HG KCY A 2 -2.42 1.56 -4.37
HGA KCY A 2 -3.20 0.45 -5.51
N GLU A 3 -0.87 4.88 -5.99
CA GLU A 3 0.05 5.60 -5.11
C GLU A 3 -0.60 5.89 -3.76
N GLY A 4 -0.33 5.02 -2.80
CA GLY A 4 -0.90 5.16 -1.47
C GLY A 4 -0.80 3.89 -0.65
N HCS A 5 -1.06 2.74 -1.28
CA HCS A 5 -1.01 1.45 -0.59
CB HCS A 5 -2.00 0.44 -1.19
CG HCS A 5 -3.46 0.80 -0.97
SD HCS A 5 -4.08 2.10 -2.08
C HCS A 5 0.41 0.85 -0.60
O HCS A 5 0.58 -0.36 -0.82
H HCS A 5 -1.30 2.76 -2.23
HA HCS A 5 -1.28 1.62 0.44
HB2 HCS A 5 -1.83 0.39 -2.26
HB3 HCS A 5 -1.82 -0.53 -0.76
HG2 HCS A 5 -4.06 -0.08 -1.12
HG3 HCS A 5 -3.58 1.14 0.05
N PHE A 6 1.42 1.67 -0.35
CA PHE A 6 2.80 1.20 -0.32
C PHE A 6 2.98 0.14 0.76
N THR A 7 2.36 0.35 1.92
CA THR A 7 2.45 -0.60 3.04
C THR A 7 1.30 -1.64 2.99
N SER A 8 0.96 -2.11 1.79
CA SER A 8 -0.10 -3.12 1.64
C SER A 8 0.17 -4.33 2.54
N ASP A 9 1.40 -4.84 2.48
CA ASP A 9 1.80 -6.00 3.29
C ASP A 9 1.94 -5.63 4.78
N PHE A 10 1.08 -4.73 5.24
CA PHE A 10 1.10 -4.30 6.65
C PHE A 10 0.95 -5.50 7.58
C PH8 A 11 1.25 -8.39 8.31
N PH8 A 11 0.15 -6.49 7.17
O PH8 A 11 1.45 -8.83 9.43
CA PH8 A 11 -0.07 -7.70 7.96
CB PH8 A 11 -0.98 -8.68 7.19
CG PH8 A 11 -1.76 -10.67 10.33
CI PH8 A 11 -1.26 -9.97 7.94
CJ PH8 A 11 -2.07 -9.72 9.21
CZ PH8 A 11 -1.19 -12.43 12.40
CD1 PH8 A 11 -1.66 -12.03 10.09
CD2 PH8 A 11 -1.57 -10.20 11.62
CE1 PH8 A 11 -1.38 -12.91 11.12
CE2 PH8 A 11 -1.28 -11.08 12.65
H PH8 A 11 -0.31 -6.40 6.31
HA PH8 A 11 -0.57 -7.41 8.88
HZ PH8 A 11 -0.96 -13.12 13.21
HB PH8 A 11 -1.92 -8.19 6.99
HBA PH8 A 11 -0.50 -8.93 6.25
HD1 PH8 A 11 -1.81 -12.41 9.09
HD2 PH8 A 11 -1.64 -9.14 11.82
HE1 PH8 A 11 -1.30 -13.97 10.92
HE2 PH8 A 11 -1.13 -10.71 13.65
HI PH8 A 11 -1.82 -10.63 7.30
HIA PH8 A 11 -0.33 -10.43 8.21
HJ PH8 A 11 -3.13 -9.81 8.97
HJA PH8 A 11 -1.88 -8.72 9.56
N NH2 A 12 2.15 -8.48 7.33
HN1 NH2 A 12 1.92 -8.12 6.45
HN2 NH2 A 12 3.00 -8.92 7.53
N HIS A 1 -5.29 1.07 -6.99
CA HIS A 1 -3.84 1.34 -7.23
C HIS A 1 -3.13 1.67 -5.91
C KCY A 2 -0.46 2.67 -4.45
N KCY A 2 -1.95 1.09 -5.72
O KCY A 2 0.63 2.81 -3.90
CA KCY A 2 -1.14 1.30 -4.49
CB KCY A 2 -1.99 1.08 -3.23
SD KCY A 2 -3.59 -0.58 -1.62
CG KCY A 2 -2.80 -0.21 -3.24
H KCY A 2 -1.60 0.50 -6.41
HA KCY A 2 -0.36 0.56 -4.51
HB KCY A 2 -1.33 1.05 -2.38
HBA KCY A 2 -2.67 1.91 -3.12
HG KCY A 2 -2.15 -1.04 -3.48
HGA KCY A 2 -3.58 -0.13 -3.97
N GLU A 3 -1.11 3.70 -5.03
CA GLU A 3 -0.54 5.05 -5.05
C GLU A 3 -0.41 5.63 -3.64
N GLY A 4 0.82 5.66 -3.14
CA GLY A 4 1.08 6.17 -1.81
C GLY A 4 0.26 5.46 -0.75
N HCS A 5 0.14 4.14 -0.89
CA HCS A 5 -0.63 3.33 0.03
CB HCS A 5 -1.89 2.84 -0.69
CG HCS A 5 -2.72 1.81 0.06
SD HCS A 5 -4.16 1.24 -0.90
C HCS A 5 0.24 2.17 0.55
O HCS A 5 0.03 1.01 0.19
H HCS A 5 0.59 3.71 -1.65
HA HCS A 5 -0.92 3.95 0.87
HB2 HCS A 5 -2.52 3.69 -0.89
HB3 HCS A 5 -1.59 2.40 -1.63
HG2 HCS A 5 -2.10 0.95 0.29
HG3 HCS A 5 -3.08 2.26 0.98
N PHE A 6 1.20 2.53 1.39
CA PHE A 6 2.13 1.55 1.98
C PHE A 6 1.40 0.40 2.66
N THR A 7 0.21 0.68 3.20
CA THR A 7 -0.61 -0.34 3.89
C THR A 7 -0.71 -1.63 3.06
N SER A 8 -0.81 -1.48 1.73
CA SER A 8 -0.91 -2.62 0.82
C SER A 8 0.15 -3.68 1.13
N ASP A 9 1.39 -3.21 1.37
CA ASP A 9 2.50 -4.11 1.68
C ASP A 9 2.18 -4.96 2.91
N PHE A 10 1.71 -4.32 3.98
CA PHE A 10 1.34 -5.00 5.22
C PHE A 10 0.05 -5.82 5.02
C PH8 A 11 -0.65 -8.69 2.79
N PH8 A 11 0.15 -6.85 4.21
O PH8 A 11 -1.07 -9.84 2.82
CA PH8 A 11 -0.99 -7.71 3.92
CB PH8 A 11 -2.20 -6.85 3.55
CG PH8 A 11 -3.45 -7.16 0.78
CI PH8 A 11 -3.48 -7.63 3.27
CJ PH8 A 11 -3.52 -8.20 1.86
CZ PH8 A 11 -3.34 -5.22 -1.21
CD1 PH8 A 11 -2.38 -7.11 -0.10
CD2 PH8 A 11 -4.47 -6.21 0.65
CE1 PH8 A 11 -2.32 -6.16 -1.09
CE2 PH8 A 11 -4.41 -5.26 -0.34
H PH8 A 11 1.01 -7.05 3.78
HA PH8 A 11 -1.22 -8.28 4.81
HZ PH8 A 11 -3.28 -4.47 -1.99
HB PH8 A 11 -2.40 -6.17 4.36
HBA PH8 A 11 -1.96 -6.28 2.66
HD1 PH8 A 11 -1.59 -7.84 0.00
HD2 PH8 A 11 -5.31 -6.24 1.32
HE1 PH8 A 11 -1.48 -6.13 -1.77
HE2 PH8 A 11 -5.20 -4.53 -0.45
HI PH8 A 11 -3.55 -8.45 3.98
HIA PH8 A 11 -4.33 -6.98 3.41
HJ PH8 A 11 -4.45 -8.75 1.74
HJA PH8 A 11 -2.69 -8.87 1.73
N NH2 A 12 0.12 -8.23 1.81
HN1 NH2 A 12 0.44 -7.31 1.85
HN2 NH2 A 12 0.35 -8.85 1.09
N HIS A 1 -3.74 0.60 -8.65
CA HIS A 1 -2.67 0.48 -7.62
C HIS A 1 -2.77 1.58 -6.57
C KCY A 2 -1.49 2.84 -3.93
N KCY A 2 -2.73 1.17 -5.30
O KCY A 2 -0.92 2.79 -2.85
CA KCY A 2 -2.80 2.10 -4.15
CB KCY A 2 -3.95 3.10 -4.32
SD KCY A 2 -4.27 3.58 -1.58
CG KCY A 2 -3.99 4.20 -3.28
H KCY A 2 -2.64 0.21 -5.11
HA KCY A 2 -3.00 1.50 -3.28
HB KCY A 2 -3.86 3.57 -5.29
HBA KCY A 2 -4.89 2.56 -4.28
HG KCY A 2 -4.77 4.89 -3.52
HGA KCY A 2 -3.03 4.72 -3.28
N GLU A 3 -1.00 3.54 -4.97
CA GLU A 3 0.24 4.29 -4.88
C GLU A 3 0.15 5.32 -3.76
N GLY A 4 0.71 4.96 -2.59
CA GLY A 4 0.66 5.84 -1.43
C GLY A 4 0.46 5.08 -0.14
N HCS A 5 -0.32 3.99 -0.22
CA HCS A 5 -0.60 3.15 0.94
CB HCS A 5 -2.09 2.79 1.02
CG HCS A 5 -3.02 3.99 1.15
SD HCS A 5 -3.25 4.90 -0.42
C HCS A 5 0.24 1.87 0.87
O HCS A 5 -0.28 0.76 1.03
H HCS A 5 -0.69 3.74 -1.08
HA HCS A 5 -0.31 3.70 1.83
HB2 HCS A 5 -2.37 2.25 0.13
HB3 HCS A 5 -2.25 2.15 1.88
HG2 HCS A 5 -3.98 3.65 1.49
HG3 HCS A 5 -2.60 4.68 1.88
N PHE A 6 1.54 2.05 0.63
CA PHE A 6 2.46 0.93 0.52
C PHE A 6 2.38 0.02 1.74
N THR A 7 2.24 0.62 2.92
CA THR A 7 2.15 -0.13 4.18
C THR A 7 1.01 -1.15 4.12
N SER A 8 -0.15 -0.71 3.61
CA SER A 8 -1.32 -1.58 3.49
C SER A 8 -0.96 -2.88 2.77
N ASP A 9 -0.19 -2.75 1.69
CA ASP A 9 0.24 -3.91 0.90
C ASP A 9 1.03 -4.90 1.77
N PHE A 10 1.94 -4.36 2.59
CA PHE A 10 2.76 -5.18 3.49
C PHE A 10 1.87 -5.92 4.49
C PH8 A 11 -1.17 -8.00 3.94
N PH8 A 11 0.83 -6.56 3.96
O PH8 A 11 -1.53 -9.15 4.19
CA PH8 A 11 -0.11 -7.32 4.80
CB PH8 A 11 -0.78 -6.38 5.80
CG PH8 A 11 -3.84 -5.90 7.51
CI PH8 A 11 -1.72 -7.08 6.77
CJ PH8 A 11 -2.37 -6.11 7.74
CZ PH8 A 11 -6.57 -5.54 7.07
CD1 PH8 A 11 -4.29 -5.19 6.40
CD2 PH8 A 11 -4.77 -6.44 8.38
CE1 PH8 A 11 -5.64 -5.00 6.19
CE2 PH8 A 11 -6.13 -6.25 8.17
H PH8 A 11 0.69 -6.53 3.00
HA PH8 A 11 0.45 -8.07 5.33
HZ PH8 A 11 -7.63 -5.39 6.91
HB PH8 A 11 -0.01 -5.89 6.38
HBA PH8 A 11 -1.34 -5.63 5.26
HD1 PH8 A 11 -3.58 -4.77 5.72
HD2 PH8 A 11 -4.43 -7.00 9.24
HE1 PH8 A 11 -5.99 -4.43 5.33
HE2 PH8 A 11 -6.85 -6.67 8.86
HI PH8 A 11 -2.50 -7.57 6.19
HIA PH8 A 11 -1.17 -7.82 7.33
HJ PH8 A 11 -1.88 -5.15 7.65
HJA PH8 A 11 -2.24 -6.48 8.74
N NH2 A 12 -1.67 -7.31 2.92
HN1 NH2 A 12 -1.33 -6.40 2.76
HN2 NH2 A 12 -2.35 -7.73 2.35
N HIS A 1 -4.40 4.31 -9.78
CA HIS A 1 -3.09 4.32 -9.09
C HIS A 1 -3.25 4.13 -7.59
C KCY A 2 -1.64 3.21 -4.87
N KCY A 2 -2.77 2.98 -7.09
O KCY A 2 -1.32 2.73 -3.78
CA KCY A 2 -2.83 2.64 -5.65
CB KCY A 2 -4.15 3.11 -5.03
SD KCY A 2 -4.45 0.68 -3.67
CG KCY A 2 -4.43 2.51 -3.66
H KCY A 2 -2.34 2.34 -7.70
HA KCY A 2 -2.78 1.56 -5.58
HB KCY A 2 -4.13 4.18 -4.93
HBA KCY A 2 -4.97 2.83 -5.69
HG KCY A 2 -5.39 2.86 -3.31
HGA KCY A 2 -3.66 2.84 -2.97
N GLU A 3 -0.98 4.23 -5.44
CA GLU A 3 0.18 4.85 -4.79
C GLU A 3 -0.22 5.51 -3.48
N GLY A 4 0.01 4.79 -2.38
CA GLY A 4 -0.33 5.31 -1.07
C GLY A 4 -0.48 4.22 -0.03
N HCS A 5 -1.05 3.08 -0.43
CA HCS A 5 -1.26 1.96 0.48
CB HCS A 5 -2.59 1.26 0.16
CG HCS A 5 -2.66 0.67 -1.24
SD HCS A 5 -4.35 0.18 -1.71
C HCS A 5 -0.09 0.96 0.45
O HCS A 5 -0.30 -0.25 0.47
H HCS A 5 -1.34 2.99 -1.37
HA HCS A 5 -1.32 2.36 1.48
HB2 HCS A 5 -2.73 0.45 0.88
HB3 HCS A 5 -3.39 1.97 0.28
HG2 HCS A 5 -2.31 1.40 -1.94
HG3 HCS A 5 -2.03 -0.21 -1.28
N PHE A 6 1.13 1.49 0.41
CA PHE A 6 2.33 0.65 0.38
C PHE A 6 2.42 -0.23 1.62
N THR A 7 2.12 0.36 2.79
CA THR A 7 2.15 -0.36 4.06
C THR A 7 1.16 -1.54 4.06
N SER A 8 0.02 -1.37 3.35
CA SER A 8 -1.00 -2.40 3.28
C SER A 8 -0.41 -3.76 2.90
N ASP A 9 0.53 -3.74 1.95
CA ASP A 9 1.20 -4.96 1.50
C ASP A 9 1.92 -5.65 2.66
N PHE A 10 2.65 -4.88 3.45
CA PHE A 10 3.38 -5.41 4.60
C PHE A 10 2.43 -6.04 5.61
C PH8 A 11 -0.81 -6.48 6.11
N PH8 A 11 1.35 -5.33 5.90
O PH8 A 11 -1.97 -6.37 6.51
CA PH8 A 11 0.35 -5.81 6.84
CB PH8 A 11 -0.15 -4.63 7.70
CG PH8 A 11 -0.51 -3.88 11.07
CI PH8 A 11 -1.03 -5.05 8.88
CJ PH8 A 11 -1.32 -3.87 9.80
CZ PH8 A 11 0.99 -3.89 13.41
CD1 PH8 A 11 -1.12 -4.07 12.29
CD2 PH8 A 11 0.86 -3.68 11.02
CE1 PH8 A 11 -0.37 -4.08 13.46
CE2 PH8 A 11 1.62 -3.69 12.19
H PH8 A 11 1.22 -4.46 5.47
HA PH8 A 11 0.82 -6.54 7.49
HZ PH8 A 11 1.58 -3.90 14.31
HB PH8 A 11 0.70 -4.09 8.09
HBA PH8 A 11 -0.72 -3.97 7.08
HD1 PH8 A 11 -2.18 -4.22 12.34
HD2 PH8 A 11 1.35 -3.53 10.08
HE1 PH8 A 11 -0.86 -4.24 14.41
HE2 PH8 A 11 2.68 -3.54 12.15
HI PH8 A 11 -1.96 -5.43 8.49
HIA PH8 A 11 -0.52 -5.82 9.44
HJ PH8 A 11 -2.36 -3.89 10.07
HJA PH8 A 11 -1.10 -2.95 9.27
N NH2 A 12 -0.51 -7.20 5.03
HN1 NH2 A 12 0.44 -7.27 4.76
HN2 NH2 A 12 -1.23 -7.66 4.55
N HIS A 1 -3.96 0.84 -8.49
CA HIS A 1 -3.05 0.35 -7.43
C HIS A 1 -2.99 1.33 -6.25
C KCY A 2 -1.41 2.27 -3.69
N KCY A 2 -2.86 0.77 -5.04
O KCY A 2 -0.70 2.08 -2.70
CA KCY A 2 -2.78 1.56 -3.81
CB KCY A 2 -3.91 2.59 -3.72
SD KCY A 2 -2.58 4.11 -1.79
CG KCY A 2 -4.08 3.23 -2.35
H KCY A 2 -2.80 -0.20 -4.97
HA KCY A 2 -2.86 0.88 -2.97
HB KCY A 2 -3.73 3.38 -4.45
HBA KCY A 2 -4.84 2.10 -3.98
HG KCY A 2 -4.32 2.47 -1.63
HGA KCY A 2 -4.89 3.95 -2.41
N GLU A 3 -1.06 3.07 -4.69
CA GLU A 3 0.20 3.79 -4.69
C GLU A 3 0.20 4.86 -3.60
N GLY A 4 0.87 4.57 -2.49
CA GLY A 4 0.92 5.50 -1.37
C GLY A 4 0.54 4.83 -0.05
N HCS A 5 -0.18 3.71 -0.14
CA HCS A 5 -0.61 2.96 1.03
CB HCS A 5 -2.09 2.56 0.91
CG HCS A 5 -3.09 3.69 1.21
SD HCS A 5 -3.12 5.01 -0.05
C HCS A 5 0.26 1.71 1.17
O HCS A 5 -0.25 0.60 1.40
H HCS A 5 -0.42 3.38 -1.02
HA HCS A 5 -0.48 3.58 1.90
HB2 HCS A 5 -2.28 2.21 -0.09
HB3 HCS A 5 -2.29 1.75 1.61
HG2 HCS A 5 -4.07 3.27 1.29
HG3 HCS A 5 -2.81 4.14 2.15
N PHE A 6 1.56 1.90 1.01
CA PHE A 6 2.54 0.81 1.09
C PHE A 6 2.32 -0.07 2.32
N THR A 7 2.05 0.56 3.46
CA THR A 7 1.82 -0.19 4.70
C THR A 7 0.65 -1.18 4.55
N SER A 8 -0.47 -0.69 4.03
CA SER A 8 -1.64 -1.55 3.81
C SER A 8 -1.34 -2.60 2.74
N ASP A 9 -0.65 -2.16 1.69
CA ASP A 9 -0.27 -3.05 0.58
C ASP A 9 0.66 -4.17 1.06
N PHE A 10 1.40 -3.92 2.14
CA PHE A 10 2.34 -4.91 2.69
C PHE A 10 1.66 -6.27 2.84
C PH8 A 11 -1.86 -7.25 2.90
N PH8 A 11 0.37 -6.26 3.15
O PH8 A 11 -2.79 -7.61 3.63
CA PH8 A 11 -0.40 -7.49 3.30
CB PH8 A 11 -0.30 -8.00 4.76
CG PH8 A 11 0.64 -10.69 6.48
CI PH8 A 11 -0.91 -9.38 4.96
CJ PH8 A 11 -0.64 -9.90 6.37
CZ PH8 A 11 3.00 -12.16 6.69
CD1 PH8 A 11 0.64 -12.07 6.28
CD2 PH8 A 11 1.84 -10.07 6.79
CE1 PH8 A 11 1.81 -12.79 6.38
CE2 PH8 A 11 3.01 -10.79 6.89
H PH8 A 11 -0.08 -5.40 3.26
HA PH8 A 11 0.02 -8.23 2.64
HZ PH8 A 11 3.91 -12.72 6.77
HB PH8 A 11 0.74 -8.04 5.03
HBA PH8 A 11 -0.81 -7.30 5.40
HD1 PH8 A 11 -0.28 -12.56 6.04
HD2 PH8 A 11 1.85 -9.00 6.95
HE1 PH8 A 11 1.79 -13.86 6.22
HE2 PH8 A 11 3.94 -10.30 7.13
HI PH8 A 11 -1.97 -9.32 4.81
HIA PH8 A 11 -0.47 -10.06 4.25
HJ PH8 A 11 -1.45 -10.53 6.66
HJA PH8 A 11 -0.56 -9.06 7.04
N NH2 A 12 -2.05 -6.64 1.74
HN1 NH2 A 12 -1.26 -6.37 1.21
HN2 NH2 A 12 -2.97 -6.46 1.45
N HIS A 1 -0.42 -0.41 -6.49
CA HIS A 1 -1.75 0.12 -6.90
C HIS A 1 -2.33 1.05 -5.84
C KCY A 2 -2.02 2.70 -3.34
N KCY A 2 -2.30 0.61 -4.59
O KCY A 2 -1.39 2.95 -2.32
CA KCY A 2 -2.81 1.39 -3.46
CB KCY A 2 -4.30 1.69 -3.63
SD KCY A 2 -5.22 0.86 -1.12
CG KCY A 2 -5.00 2.17 -2.37
H KCY A 2 -1.91 -0.27 -4.41
HA KCY A 2 -2.65 0.82 -2.56
HB KCY A 2 -4.43 2.44 -4.40
HBA KCY A 2 -4.80 0.78 -3.96
HG KCY A 2 -5.98 2.56 -2.63
HGA KCY A 2 -4.41 2.95 -1.93
N GLU A 3 -2.05 3.49 -4.41
CA GLU A 3 -1.32 4.76 -4.45
C GLU A 3 -1.49 5.55 -3.14
N GLY A 4 -0.41 5.54 -2.35
CA GLY A 4 -0.42 6.24 -1.07
C GLY A 4 -0.20 5.31 0.11
N HCS A 5 -0.83 4.14 0.04
CA HCS A 5 -0.71 3.13 1.09
CB HCS A 5 -2.12 2.66 1.49
CG HCS A 5 -2.83 1.92 0.36
SD HCS A 5 -4.61 1.73 0.61
C HCS A 5 0.12 1.93 0.62
O HCS A 5 -0.09 0.80 1.08
H HCS A 5 -1.37 3.93 -0.75
HA HCS A 5 -0.23 3.58 1.94
HB2 HCS A 5 -2.05 2.00 2.34
HB3 HCS A 5 -2.72 3.52 1.75
HG2 HCS A 5 -2.69 2.47 -0.56
HG3 HCS A 5 -2.39 0.94 0.26
N PHE A 6 1.04 2.18 -0.30
CA PHE A 6 1.90 1.13 -0.86
C PHE A 6 2.47 0.21 0.22
N THR A 7 3.09 0.81 1.25
CA THR A 7 3.66 0.04 2.34
C THR A 7 2.58 -0.47 3.29
N SER A 8 1.53 0.34 3.48
CA SER A 8 0.43 -0.03 4.37
C SER A 8 -0.20 -1.37 3.98
N ASP A 9 -0.35 -1.58 2.67
CA ASP A 9 -0.94 -2.82 2.16
C ASP A 9 0.13 -3.91 2.01
N PHE A 10 1.07 -3.98 2.95
CA PHE A 10 2.13 -4.99 2.92
C PHE A 10 1.54 -6.41 2.91
C PH8 A 11 -1.05 -8.18 2.44
N PH8 A 11 0.43 -6.59 3.63
O PH8 A 11 -1.29 -9.34 2.10
CA PH8 A 11 -0.23 -7.89 3.70
CB PH8 A 11 -1.12 -7.98 4.96
CG PH8 A 11 -4.69 -6.98 4.75
CI PH8 A 11 -2.18 -6.88 5.07
CJ PH8 A 11 -3.34 -7.10 4.11
CZ PH8 A 11 -7.18 -6.76 5.95
CD1 PH8 A 11 -5.29 -8.09 5.32
CD2 PH8 A 11 -5.35 -5.76 4.78
CE1 PH8 A 11 -6.53 -7.98 5.92
CE2 PH8 A 11 -6.59 -5.65 5.39
H PH8 A 11 0.05 -5.83 4.12
HA PH8 A 11 0.54 -8.64 3.78
HZ PH8 A 11 -8.16 -6.68 6.42
HB PH8 A 11 -1.63 -8.93 4.96
HBA PH8 A 11 -0.48 -7.91 5.83
HD1 PH8 A 11 -4.79 -9.05 5.30
HD2 PH8 A 11 -4.88 -4.90 4.35
HE1 PH8 A 11 -7.00 -8.85 6.36
HE2 PH8 A 11 -7.10 -4.70 5.41
HI PH8 A 11 -2.56 -6.87 6.08
HIA PH8 A 11 -1.72 -5.93 4.86
HJ PH8 A 11 -3.25 -8.09 3.68
HJA PH8 A 11 -3.28 -6.36 3.31
N NH2 A 12 -1.49 -7.13 1.74
HN1 NH2 A 12 -1.26 -6.23 2.05
HN2 NH2 A 12 -2.01 -7.30 0.93
N HIS A 1 -3.13 0.49 -8.11
CA HIS A 1 -2.19 1.65 -8.08
C HIS A 1 -2.26 2.41 -6.75
C KCY A 2 -1.04 3.26 -4.10
N KCY A 2 -2.13 1.66 -5.64
O KCY A 2 -0.25 3.12 -3.16
CA KCY A 2 -2.16 2.25 -4.30
CB KCY A 2 -3.52 2.93 -4.05
SD KCY A 2 -4.23 1.51 -1.75
CG KCY A 2 -4.57 1.99 -3.47
H KCY A 2 -1.99 0.71 -5.73
HA KCY A 2 -2.04 1.45 -3.59
HB KCY A 2 -3.38 3.74 -3.35
HBA KCY A 2 -3.89 3.33 -4.97
HG KCY A 2 -4.61 1.10 -4.08
HGA KCY A 2 -5.53 2.49 -3.50
N GLU A 3 -0.99 4.27 -4.96
CA GLU A 3 0.03 5.31 -4.87
C GLU A 3 0.00 5.92 -3.47
N GLY A 4 0.97 5.53 -2.65
CA GLY A 4 1.04 6.02 -1.28
C GLY A 4 0.25 5.16 -0.32
N HCS A 5 0.35 3.83 -0.50
CA HCS A 5 -0.36 2.87 0.36
CB HCS A 5 -1.74 2.54 -0.20
CG HCS A 5 -2.67 3.73 -0.34
SD HCS A 5 -4.39 3.25 -0.72
C HCS A 5 0.47 1.58 0.50
O HCS A 5 -0.07 0.47 0.42
H HCS A 5 0.91 3.50 -1.23
HA HCS A 5 -0.46 3.32 1.34
HB2 HCS A 5 -1.62 2.09 -1.17
HB3 HCS A 5 -2.21 1.82 0.45
HG2 HCS A 5 -2.67 4.28 0.58
HG3 HCS A 5 -2.31 4.36 -1.15
N PHE A 6 1.78 1.74 0.71
CA PHE A 6 2.68 0.60 0.86
C PHE A 6 2.22 -0.32 2.00
N THR A 7 1.69 0.26 3.07
CA THR A 7 1.23 -0.50 4.23
C THR A 7 0.23 -1.60 3.84
N SER A 8 -0.69 -1.28 2.91
CA SER A 8 -1.70 -2.24 2.47
C SER A 8 -1.07 -3.58 2.07
N ASP A 9 -0.03 -3.51 1.23
CA ASP A 9 0.67 -4.71 0.77
C ASP A 9 1.60 -5.26 1.85
N PHE A 10 2.09 -4.39 2.75
CA PHE A 10 2.99 -4.82 3.84
C PHE A 10 2.31 -5.89 4.69
C PH8 A 11 -0.84 -7.25 5.02
N PH8 A 11 1.04 -5.66 5.02
O PH8 A 11 -1.95 -7.46 5.50
CA PH8 A 11 0.27 -6.60 5.83
CB PH8 A 11 -0.31 -5.88 7.04
CG PH8 A 11 1.06 -3.53 9.78
CI PH8 A 11 0.74 -5.26 7.95
CJ PH8 A 11 0.12 -4.50 9.10
CZ PH8 A 11 2.80 -1.76 11.01
CD1 PH8 A 11 1.31 -2.29 9.22
CD2 PH8 A 11 1.70 -3.88 10.96
CE1 PH8 A 11 2.17 -1.40 9.83
CE2 PH8 A 11 2.56 -2.99 11.57
H PH8 A 11 0.61 -4.84 4.70
HA PH8 A 11 0.94 -7.37 6.17
HZ PH8 A 11 3.48 -1.07 11.49
HB PH8 A 11 -0.97 -5.09 6.71
HBA PH8 A 11 -0.89 -6.58 7.64
HD1 PH8 A 11 0.81 -2.01 8.29
HD2 PH8 A 11 1.52 -4.84 11.40
HE1 PH8 A 11 2.35 -0.44 9.39
HE2 PH8 A 11 3.05 -3.27 12.50
HI PH8 A 11 1.38 -6.03 8.34
HIA PH8 A 11 1.34 -4.56 7.36
HJ PH8 A 11 -0.21 -5.21 9.84
HJA PH8 A 11 -0.73 -3.94 8.74
N NH2 A 12 -0.55 -7.58 3.75
HN1 NH2 A 12 0.35 -7.40 3.42
HN2 NH2 A 12 -1.25 -8.00 3.21
N HIS A 1 -5.70 2.61 -6.63
CA HIS A 1 -4.33 2.51 -7.19
C HIS A 1 -3.28 2.42 -6.07
C KCY A 2 -0.62 2.91 -4.80
N KCY A 2 -2.16 1.75 -6.36
O KCY A 2 -0.12 2.97 -3.67
CA KCY A 2 -1.06 1.57 -5.41
CB KCY A 2 -1.49 0.58 -4.31
SD KCY A 2 -0.91 -1.63 -2.68
CG KCY A 2 -0.35 -0.27 -3.78
H KCY A 2 -2.07 1.36 -7.26
HA KCY A 2 -0.23 1.16 -5.94
HB KCY A 2 -1.91 1.14 -3.48
HBA KCY A 2 -2.25 -0.07 -4.71
HG KCY A 2 0.33 0.36 -3.22
HGA KCY A 2 0.17 -0.71 -4.61
N GLU A 3 -0.77 3.98 -5.59
CA GLU A 3 -0.37 5.33 -5.19
C GLU A 3 -0.77 5.64 -3.74
N GLY A 4 0.24 5.69 -2.88
CA GLY A 4 0.02 5.97 -1.47
C GLY A 4 -0.33 4.73 -0.67
N HCS A 5 0.38 3.64 -0.95
CA HCS A 5 0.16 2.37 -0.26
CB HCS A 5 -0.87 1.55 -1.05
CG HCS A 5 -1.32 0.27 -0.36
SD HCS A 5 -2.30 -0.78 -1.48
C HCS A 5 1.48 1.61 -0.11
O HCS A 5 1.56 0.41 -0.39
H HCS A 5 1.08 3.68 -1.64
HA HCS A 5 -0.23 2.59 0.72
HB2 HCS A 5 -1.74 2.16 -1.21
HB3 HCS A 5 -0.44 1.29 -2.00
HG2 HCS A 5 -0.45 -0.28 -0.04
HG3 HCS A 5 -1.93 0.52 0.50
N PHE A 6 2.52 2.32 0.33
CA PHE A 6 3.84 1.73 0.53
C PHE A 6 3.77 0.55 1.50
N THR A 7 2.90 0.66 2.51
CA THR A 7 2.72 -0.40 3.49
C THR A 7 1.66 -1.40 3.03
N SER A 8 1.68 -1.73 1.73
CA SER A 8 0.73 -2.69 1.15
C SER A 8 0.79 -4.04 1.86
N ASP A 9 2.01 -4.46 2.24
CA ASP A 9 2.22 -5.72 2.93
C ASP A 9 1.32 -5.86 4.15
N PHE A 10 1.15 -4.77 4.89
CA PHE A 10 0.31 -4.76 6.09
C PHE A 10 -1.10 -5.28 5.79
C PH8 A 11 -3.03 -6.85 4.02
N PH8 A 11 -1.63 -4.90 4.63
O PH8 A 11 -4.02 -7.49 4.37
CA PH8 A 11 -2.96 -5.33 4.21
CB PH8 A 11 -3.38 -4.62 2.91
CG PH8 A 11 -7.17 -4.58 3.60
CI PH8 A 11 -4.84 -4.78 2.57
CJ PH8 A 11 -5.74 -4.11 3.61
CZ PH8 A 11 -9.81 -5.43 3.60
CD1 PH8 A 11 -7.97 -4.41 4.72
CD2 PH8 A 11 -7.72 -5.18 2.47
CE1 PH8 A 11 -9.28 -4.84 4.72
CE2 PH8 A 11 -9.03 -5.60 2.47
H PH8 A 11 -1.11 -4.32 4.03
HA PH8 A 11 -3.66 -5.05 4.99
HZ PH8 A 11 -10.84 -5.77 3.60
HB PH8 A 11 -3.15 -3.57 3.00
HBA PH8 A 11 -2.79 -5.03 2.10
HD1 PH8 A 11 -7.55 -3.95 5.61
HD2 PH8 A 11 -7.11 -5.32 1.60
HE1 PH8 A 11 -9.89 -4.70 5.61
HE2 PH8 A 11 -9.44 -6.07 1.60
HI PH8 A 11 -5.03 -4.33 1.60
HIA PH8 A 11 -5.09 -5.84 2.53
HJ PH8 A 11 -5.73 -3.04 3.42
HJA PH8 A 11 -5.33 -4.30 4.58
N NH2 A 12 -1.97 -7.43 3.47
HN1 NH2 A 12 -1.21 -6.87 3.21
HN2 NH2 A 12 -1.99 -8.40 3.34
#